data_6Q4S
#
_entry.id   6Q4S
#
_cell.length_a   103.140
_cell.length_b   103.140
_cell.length_c   139.665
_cell.angle_alpha   90.00
_cell.angle_beta   90.00
_cell.angle_gamma   120.00
#
_symmetry.space_group_name_H-M   'P 61 2 2'
#
loop_
_entity.id
_entity.type
_entity.pdbx_description
1 polymer 'Pentalenene synthase'
2 non-polymer 'CHLORIDE ION'
3 water water
#
_entity_poly.entity_id   1
_entity_poly.type   'polypeptide(L)'
_entity_poly.pdbx_seq_one_letter_code
;MPQDVRFDLPFDTPVSEHLEYARARHLRWVWEMRLVRSRDGFEEYKSWDLPQAAARTYPHASADDMVVLMNWFSLAFLFD
DQFDASRPDRADRIAEVARELIVTPLRPAGSPPRVACPITLAWAEVWKYLSHGMSLTWQTRFAASWGRFLVAHCEEVDLA
ARGLEGTLGLDEYAEFRRRTVGIHHSIDAGERSRGFEVPAQAMGHPVMERMRDLAADTIGFMNDIHSFEREKRRGDGHNL
IAVLRRERGCSWQQATDEAYRMTIACLDEYLELQERVPQMCDELRLDEAERDRVRMGVEAIQHWINGNYEWALTSGRYAA
AKEGPVATAELAGRGSVDDLLTV
;
_entity_poly.pdbx_strand_id   A
#
# COMPACT_ATOMS: atom_id res chain seq x y z
N ASP A 4 -0.02 -20.73 -13.45
CA ASP A 4 0.40 -19.40 -12.90
C ASP A 4 -0.16 -18.22 -13.71
N VAL A 5 -1.10 -17.48 -13.10
CA VAL A 5 -1.68 -16.27 -13.69
C VAL A 5 -0.57 -15.19 -13.90
N ARG A 6 -0.47 -14.75 -15.15
CA ARG A 6 0.37 -13.65 -15.59
C ARG A 6 -0.59 -12.59 -16.06
N PHE A 7 -0.16 -11.33 -16.01
CA PHE A 7 -1.01 -10.26 -16.56
C PHE A 7 -0.09 -9.56 -17.53
N ASP A 8 -0.64 -9.10 -18.64
CA ASP A 8 0.14 -8.21 -19.48
C ASP A 8 -0.44 -6.82 -19.35
N LEU A 9 0.26 -5.98 -18.59
CA LEU A 9 -0.19 -4.64 -18.26
C LEU A 9 0.28 -3.67 -19.32
N PRO A 10 -0.52 -2.65 -19.68
CA PRO A 10 -0.08 -1.64 -20.65
C PRO A 10 0.67 -0.46 -20.00
N PHE A 11 1.66 -0.71 -19.16
CA PHE A 11 2.45 0.36 -18.55
C PHE A 11 3.88 0.00 -18.81
N ASP A 12 4.74 1.01 -18.93
CA ASP A 12 6.20 0.80 -18.93
C ASP A 12 6.69 1.77 -17.87
N THR A 13 7.43 1.27 -16.90
CA THR A 13 7.53 2.03 -15.66
C THR A 13 8.97 2.03 -15.16
N PRO A 14 9.54 3.24 -14.86
CA PRO A 14 10.93 3.27 -14.38
C PRO A 14 11.18 2.61 -13.01
N VAL A 15 12.41 2.22 -12.80
CA VAL A 15 12.87 1.66 -11.58
C VAL A 15 13.95 2.55 -10.99
N SER A 16 13.91 2.84 -9.69
CA SER A 16 14.92 3.72 -9.13
C SER A 16 16.36 3.17 -9.28
N GLU A 17 17.25 4.07 -9.69
CA GLU A 17 18.72 3.79 -9.66
C GLU A 17 19.31 3.66 -8.26
N HIS A 18 18.54 4.05 -7.23
CA HIS A 18 19.09 4.02 -5.86
C HIS A 18 18.86 2.78 -5.06
N LEU A 19 18.43 1.73 -5.73
CA LEU A 19 18.09 0.52 -4.98
C LEU A 19 19.19 0.04 -4.09
N GLU A 20 20.41 -0.18 -4.63
CA GLU A 20 21.48 -0.73 -3.76
C GLU A 20 21.99 0.26 -2.73
N TYR A 21 22.10 1.53 -3.10
CA TYR A 21 22.57 2.56 -2.15
C TYR A 21 21.61 2.59 -0.89
N ALA A 22 20.33 2.66 -1.18
CA ALA A 22 19.29 2.78 -0.11
C ALA A 22 19.01 1.53 0.64
N ARG A 23 19.00 0.38 -0.05
CA ARG A 23 18.91 -0.94 0.61
C ARG A 23 19.92 -1.05 1.72
N ALA A 24 21.16 -0.71 1.43
CA ALA A 24 22.20 -0.86 2.42
C ALA A 24 21.95 -0.01 3.68
N ARG A 25 21.59 1.22 3.51
CA ARG A 25 21.23 2.07 4.69
C ARG A 25 19.98 1.56 5.42
N HIS A 26 19.02 1.12 4.63
CA HIS A 26 17.70 0.63 5.14
C HIS A 26 17.92 -0.58 5.97
N LEU A 27 18.74 -1.53 5.50
CA LEU A 27 19.02 -2.71 6.31
C LEU A 27 19.71 -2.48 7.65
N ARG A 28 20.61 -1.51 7.70
CA ARG A 28 21.22 -1.10 8.97
C ARG A 28 20.20 -0.42 9.90
N TRP A 29 19.35 0.38 9.28
CA TRP A 29 18.26 1.06 10.02
C TRP A 29 17.31 0.09 10.71
N VAL A 30 16.90 -0.99 10.06
CA VAL A 30 15.97 -1.91 10.72
C VAL A 30 16.58 -2.47 12.02
N TRP A 31 17.88 -2.71 12.01
CA TRP A 31 18.57 -3.02 13.29
C TRP A 31 18.74 -1.89 14.33
N GLU A 32 19.10 -0.74 13.87
CA GLU A 32 19.26 0.43 14.74
C GLU A 32 17.91 0.71 15.43
N MET A 33 16.80 0.57 14.70
CA MET A 33 15.46 0.89 15.31
C MET A 33 14.86 -0.30 16.01
N ARG A 34 15.57 -1.42 16.06
CA ARG A 34 15.18 -2.59 16.83
C ARG A 34 13.90 -3.24 16.31
N LEU A 35 13.65 -3.08 15.01
CA LEU A 35 12.51 -3.71 14.33
C LEU A 35 12.71 -5.18 14.08
N VAL A 36 13.96 -5.60 13.93
CA VAL A 36 14.30 -6.99 13.96
C VAL A 36 15.21 -7.19 15.18
N ARG A 37 15.14 -8.40 15.73
CA ARG A 37 15.80 -8.75 17.02
C ARG A 37 16.78 -9.95 16.97
N SER A 38 16.80 -10.69 15.87
CA SER A 38 17.67 -11.85 15.71
C SER A 38 18.11 -11.94 14.28
N ARG A 39 19.23 -12.62 14.09
CA ARG A 39 19.77 -12.86 12.76
C ARG A 39 18.75 -13.56 11.85
N ASP A 40 18.11 -14.60 12.36
CA ASP A 40 17.03 -15.35 11.64
C ASP A 40 15.84 -14.46 11.27
N GLY A 41 15.40 -13.61 12.19
CA GLY A 41 14.31 -12.68 11.89
C GLY A 41 14.72 -11.76 10.78
N PHE A 42 15.97 -11.28 10.86
CA PHE A 42 16.50 -10.40 9.83
C PHE A 42 16.53 -11.08 8.48
N GLU A 43 17.09 -12.28 8.40
CA GLU A 43 17.17 -12.96 7.09
C GLU A 43 15.75 -13.27 6.48
N GLU A 44 14.80 -13.64 7.33
CA GLU A 44 13.37 -13.70 6.96
C GLU A 44 12.89 -12.36 6.40
N TYR A 45 13.13 -11.25 7.10
CA TYR A 45 12.81 -9.91 6.59
C TYR A 45 13.47 -9.67 5.22
N LYS A 46 14.77 -9.92 5.12
CA LYS A 46 15.47 -9.72 3.84
C LYS A 46 14.91 -10.46 2.67
N SER A 47 14.40 -11.66 2.91
CA SER A 47 13.85 -12.47 1.81
C SER A 47 12.64 -11.86 1.15
N TRP A 48 11.89 -11.04 1.86
CA TRP A 48 10.71 -10.38 1.26
C TRP A 48 11.09 -9.38 0.18
N ASP A 49 12.38 -9.00 0.12
CA ASP A 49 12.90 -7.94 -0.80
C ASP A 49 12.02 -6.69 -0.94
N LEU A 50 11.60 -6.14 0.21
CA LEU A 50 10.88 -4.85 0.21
C LEU A 50 11.62 -3.69 -0.45
N PRO A 51 12.95 -3.61 -0.30
CA PRO A 51 13.67 -2.54 -1.04
C PRO A 51 13.35 -2.51 -2.53
N GLN A 52 13.25 -3.68 -3.13
CA GLN A 52 12.94 -3.72 -4.53
C GLN A 52 11.58 -3.19 -4.81
N ALA A 53 10.58 -3.52 -3.98
CA ALA A 53 9.26 -2.96 -4.18
C ALA A 53 9.31 -1.43 -4.12
N ALA A 54 10.02 -0.91 -3.10
CA ALA A 54 10.10 0.57 -3.00
C ALA A 54 10.72 1.24 -4.23
N ALA A 55 11.77 0.61 -4.74
CA ALA A 55 12.47 1.12 -5.95
C ALA A 55 11.58 1.12 -7.19
N ARG A 56 10.64 0.17 -7.28
CA ARG A 56 9.67 0.11 -8.45
C ARG A 56 8.44 0.95 -8.29
N THR A 57 8.01 1.16 -7.03
CA THR A 57 6.85 2.01 -6.79
C THR A 57 7.08 3.52 -6.59
N TYR A 58 8.28 3.88 -6.16
CA TYR A 58 8.65 5.30 -6.00
C TYR A 58 9.92 5.59 -6.86
N PRO A 59 9.82 5.42 -8.17
CA PRO A 59 11.09 5.40 -8.94
C PRO A 59 11.82 6.73 -9.07
N HIS A 60 11.14 7.85 -8.79
CA HIS A 60 11.70 9.19 -8.91
C HIS A 60 12.30 9.74 -7.62
N ALA A 61 12.43 8.94 -6.57
CA ALA A 61 12.83 9.46 -5.29
C ALA A 61 14.29 9.84 -5.37
N SER A 62 14.68 10.92 -4.68
CA SER A 62 16.09 11.13 -4.45
C SER A 62 16.64 9.98 -3.65
N ALA A 63 17.96 9.88 -3.56
CA ALA A 63 18.56 8.80 -2.88
C ALA A 63 18.25 8.79 -1.39
N ASP A 64 18.22 9.97 -0.74
CA ASP A 64 18.02 9.94 0.69
C ASP A 64 16.52 9.61 0.99
N ASP A 65 15.64 10.13 0.16
CA ASP A 65 14.20 9.87 0.26
C ASP A 65 13.86 8.42 -0.07
N MET A 66 14.65 7.78 -0.91
CA MET A 66 14.47 6.35 -1.16
C MET A 66 14.71 5.57 0.10
N VAL A 67 15.72 6.00 0.88
CA VAL A 67 15.94 5.38 2.18
C VAL A 67 14.70 5.50 3.15
N VAL A 68 14.14 6.69 3.26
CA VAL A 68 12.98 6.98 4.10
C VAL A 68 11.81 6.11 3.62
N LEU A 69 11.63 6.02 2.30
CA LEU A 69 10.57 5.18 1.73
C LEU A 69 10.71 3.69 2.03
N MET A 70 11.91 3.14 1.94
CA MET A 70 12.14 1.78 2.32
C MET A 70 11.90 1.59 3.80
N ASN A 71 12.35 2.55 4.61
CA ASN A 71 12.17 2.41 6.02
C ASN A 71 10.59 2.31 6.33
N TRP A 72 9.86 3.24 5.81
CA TRP A 72 8.39 3.23 5.89
C TRP A 72 7.75 1.93 5.43
N PHE A 73 8.08 1.52 4.21
CA PHE A 73 7.70 0.23 3.70
C PHE A 73 7.87 -0.88 4.73
N SER A 74 9.02 -0.93 5.42
CA SER A 74 9.25 -1.97 6.33
C SER A 74 8.25 -1.98 7.53
N LEU A 75 7.74 -0.79 7.92
CA LEU A 75 6.93 -0.62 9.15
C LEU A 75 5.67 -1.42 9.03
N ALA A 76 4.98 -1.23 7.94
CA ALA A 76 3.76 -1.93 7.71
C ALA A 76 3.96 -3.46 7.67
N PHE A 77 4.96 -3.93 6.96
CA PHE A 77 5.17 -5.36 6.80
C PHE A 77 5.72 -6.03 8.05
N LEU A 78 6.50 -5.29 8.84
CA LEU A 78 6.99 -5.83 10.08
C LEU A 78 5.95 -5.75 11.17
N PHE A 79 4.97 -4.89 11.00
CA PHE A 79 3.99 -4.60 12.06
C PHE A 79 3.45 -5.86 12.76
N ASP A 80 2.69 -6.77 12.11
CA ASP A 80 2.32 -8.11 12.82
C ASP A 80 3.42 -8.78 13.66
N ASP A 81 4.62 -8.81 13.09
CA ASP A 81 5.76 -9.54 13.67
C ASP A 81 6.41 -8.82 14.89
N GLN A 82 5.87 -7.69 15.33
CA GLN A 82 6.41 -7.01 16.52
C GLN A 82 5.91 -7.61 17.84
N PHE A 83 4.88 -8.48 17.76
CA PHE A 83 4.07 -8.99 18.90
C PHE A 83 4.17 -10.50 19.03
N ASP A 84 4.38 -10.96 20.27
CA ASP A 84 4.36 -12.41 20.62
C ASP A 84 3.04 -13.00 20.10
N ALA A 85 3.14 -14.00 19.22
CA ALA A 85 1.99 -14.50 18.44
C ALA A 85 1.04 -15.40 19.25
N SER A 86 1.55 -15.90 20.39
CA SER A 86 0.82 -16.83 21.24
C SER A 86 0.16 -16.18 22.48
N ARG A 87 0.53 -14.94 22.83
CA ARG A 87 -0.13 -14.23 23.94
C ARG A 87 -1.68 -14.11 23.78
N PRO A 88 -2.43 -14.11 24.91
CA PRO A 88 -3.92 -14.20 24.89
C PRO A 88 -4.64 -13.04 24.19
N ASP A 89 -4.13 -11.84 24.46
CA ASP A 89 -4.73 -10.55 24.02
C ASP A 89 -3.93 -9.88 22.89
N ARG A 90 -3.36 -10.69 22.00
CA ARG A 90 -2.57 -10.23 20.87
C ARG A 90 -3.34 -9.11 20.10
N ALA A 91 -4.57 -9.42 19.72
CA ALA A 91 -5.44 -8.56 18.93
C ALA A 91 -5.68 -7.17 19.60
N ASP A 92 -5.81 -7.12 20.93
CA ASP A 92 -5.89 -5.87 21.69
C ASP A 92 -4.57 -5.07 21.70
N ARG A 93 -3.43 -5.74 21.84
CA ARG A 93 -2.17 -5.04 21.74
C ARG A 93 -1.96 -4.47 20.32
N ILE A 94 -2.29 -5.21 19.29
CA ILE A 94 -2.22 -4.72 17.91
C ILE A 94 -3.09 -3.43 17.71
N ALA A 95 -4.32 -3.43 18.21
CA ALA A 95 -5.18 -2.29 18.07
C ALA A 95 -4.61 -1.13 18.74
N GLU A 96 -4.05 -1.34 19.93
CA GLU A 96 -3.39 -0.31 20.68
C GLU A 96 -2.22 0.37 19.93
N VAL A 97 -1.38 -0.46 19.31
CA VAL A 97 -0.23 0.04 18.61
C VAL A 97 -0.65 0.69 17.31
N ALA A 98 -1.62 0.09 16.60
CA ALA A 98 -2.12 0.66 15.37
C ALA A 98 -2.65 2.05 15.58
N ARG A 99 -3.39 2.23 16.66
CA ARG A 99 -3.95 3.58 16.98
C ARG A 99 -2.90 4.61 17.28
N GLU A 100 -1.76 4.22 17.86
CA GLU A 100 -0.62 5.13 18.04
C GLU A 100 -0.07 5.49 16.68
N LEU A 101 0.01 4.54 15.78
CA LEU A 101 0.44 4.85 14.41
C LEU A 101 -0.56 5.76 13.67
N ILE A 102 -1.83 5.64 14.01
CA ILE A 102 -2.83 6.49 13.41
C ILE A 102 -2.69 7.93 13.91
N VAL A 103 -2.43 8.14 15.20
CA VAL A 103 -2.42 9.53 15.68
C VAL A 103 -1.12 10.26 15.40
N THR A 104 -0.05 9.55 15.04
CA THR A 104 1.28 10.19 14.86
C THR A 104 1.21 11.25 13.79
N PRO A 105 0.50 10.99 12.67
CA PRO A 105 0.37 12.09 11.71
C PRO A 105 -0.62 13.13 12.10
N LEU A 106 -1.29 12.96 13.25
CA LEU A 106 -2.24 13.98 13.73
C LEU A 106 -1.68 14.83 14.87
N ARG A 107 -0.37 14.86 15.01
CA ARG A 107 0.28 15.61 16.08
C ARG A 107 1.59 16.23 15.48
N PRO A 108 2.15 17.29 16.08
CA PRO A 108 3.29 17.92 15.40
C PRO A 108 4.47 16.95 15.19
N ALA A 109 5.13 17.11 14.08
CA ALA A 109 6.23 16.25 13.72
C ALA A 109 7.29 16.36 14.80
N GLY A 110 7.86 15.24 15.23
CA GLY A 110 8.88 15.25 16.27
C GLY A 110 8.36 14.98 17.66
N SER A 111 7.05 15.07 17.88
CA SER A 111 6.48 14.58 19.11
C SER A 111 6.66 13.10 19.37
N PRO A 112 6.92 12.74 20.63
CA PRO A 112 7.04 11.36 21.05
C PRO A 112 5.69 10.68 21.11
N PRO A 113 5.67 9.40 20.76
CA PRO A 113 4.48 8.60 20.90
C PRO A 113 4.15 8.27 22.34
N ARG A 114 2.87 8.10 22.63
CA ARG A 114 2.43 7.79 23.98
C ARG A 114 2.69 6.33 24.34
N VAL A 115 2.31 5.42 23.45
CA VAL A 115 2.71 4.02 23.43
C VAL A 115 4.12 3.95 22.73
N ALA A 116 5.18 3.74 23.51
CA ALA A 116 6.58 3.67 23.01
C ALA A 116 7.00 2.21 22.83
N CYS A 117 7.16 1.81 21.58
CA CYS A 117 7.72 0.51 21.30
C CYS A 117 8.53 0.73 20.03
N PRO A 118 9.32 -0.26 19.60
CA PRO A 118 10.17 0.02 18.45
C PRO A 118 9.39 0.56 17.23
N ILE A 119 8.29 -0.08 16.86
CA ILE A 119 7.52 0.37 15.70
C ILE A 119 7.00 1.82 15.80
N THR A 120 6.56 2.25 17.00
CA THR A 120 5.91 3.58 17.14
C THR A 120 6.98 4.64 17.13
N LEU A 121 8.12 4.33 17.73
CA LEU A 121 9.27 5.24 17.65
C LEU A 121 9.82 5.37 16.26
N ALA A 122 9.89 4.26 15.53
CA ALA A 122 10.31 4.26 14.15
C ALA A 122 9.40 5.09 13.32
N TRP A 123 8.09 4.88 13.49
CA TRP A 123 7.14 5.70 12.75
C TRP A 123 7.16 7.15 13.13
N ALA A 124 7.28 7.50 14.40
CA ALA A 124 7.39 8.93 14.70
C ALA A 124 8.55 9.58 13.93
N GLU A 125 9.64 8.83 13.76
CA GLU A 125 10.80 9.33 12.99
C GLU A 125 10.49 9.48 11.53
N VAL A 126 9.92 8.44 10.92
CA VAL A 126 9.65 8.41 9.50
C VAL A 126 8.69 9.47 9.09
N TRP A 127 7.66 9.69 9.91
CA TRP A 127 6.62 10.67 9.56
C TRP A 127 7.18 12.09 9.49
N LYS A 128 8.10 12.43 10.37
CA LYS A 128 8.78 13.69 10.31
C LYS A 128 9.45 13.93 8.96
N TYR A 129 10.11 12.90 8.40
CA TYR A 129 10.67 13.05 7.03
C TYR A 129 9.67 13.00 5.90
N LEU A 130 8.73 12.05 6.01
CA LEU A 130 7.73 11.89 4.96
C LEU A 130 6.86 13.13 4.85
N SER A 131 6.52 13.77 5.98
CA SER A 131 5.69 15.02 5.92
C SER A 131 6.47 16.31 5.56
N HIS A 132 7.76 16.20 5.59
CA HIS A 132 8.64 17.37 5.38
C HIS A 132 8.39 18.03 4.00
N GLY A 133 8.12 19.32 4.00
CA GLY A 133 7.92 20.06 2.75
C GLY A 133 6.55 19.88 2.14
N MET A 134 5.65 19.16 2.79
CA MET A 134 4.36 18.88 2.20
C MET A 134 3.32 19.80 2.81
N SER A 135 2.33 20.19 2.05
CA SER A 135 1.28 21.06 2.51
C SER A 135 0.37 20.39 3.59
N LEU A 136 -0.34 21.21 4.33
CA LEU A 136 -1.35 20.74 5.25
C LEU A 136 -2.44 19.87 4.52
N THR A 137 -2.76 20.25 3.29
CA THR A 137 -3.74 19.55 2.48
C THR A 137 -3.25 18.11 2.24
N TRP A 138 -1.97 17.96 1.87
CA TRP A 138 -1.42 16.64 1.60
C TRP A 138 -1.34 15.83 2.90
N GLN A 139 -0.90 16.46 4.01
CA GLN A 139 -0.75 15.76 5.27
C GLN A 139 -2.12 15.25 5.78
N THR A 140 -3.15 16.03 5.59
CA THR A 140 -4.53 15.63 5.98
C THR A 140 -5.02 14.45 5.15
N ARG A 141 -4.85 14.55 3.84
CA ARG A 141 -5.18 13.47 2.94
C ARG A 141 -4.42 12.18 3.30
N PHE A 142 -3.09 12.27 3.47
CA PHE A 142 -2.27 11.12 3.85
C PHE A 142 -2.75 10.53 5.18
N ALA A 143 -2.99 11.39 6.12
CA ALA A 143 -3.33 10.98 7.45
C ALA A 143 -4.65 10.18 7.45
N ALA A 144 -5.60 10.63 6.69
CA ALA A 144 -6.87 9.87 6.68
C ALA A 144 -6.68 8.58 5.89
N SER A 145 -5.98 8.59 4.74
CA SER A 145 -5.75 7.37 3.98
C SER A 145 -5.06 6.26 4.83
N TRP A 146 -3.99 6.64 5.50
CA TRP A 146 -3.20 5.78 6.39
C TRP A 146 -4.06 5.26 7.55
N GLY A 147 -4.79 6.19 8.15
CA GLY A 147 -5.74 5.83 9.21
C GLY A 147 -6.80 4.83 8.81
N ARG A 148 -7.42 5.05 7.65
CA ARG A 148 -8.46 4.09 7.16
C ARG A 148 -7.83 2.69 6.96
N PHE A 149 -6.61 2.65 6.43
CA PHE A 149 -5.85 1.45 6.26
C PHE A 149 -5.64 0.72 7.56
N LEU A 150 -5.18 1.45 8.57
CA LEU A 150 -4.85 0.80 9.78
C LEU A 150 -6.07 0.29 10.58
N VAL A 151 -7.18 1.04 10.51
CA VAL A 151 -8.43 0.61 11.10
C VAL A 151 -8.86 -0.74 10.47
N ALA A 152 -8.84 -0.79 9.14
CA ALA A 152 -9.18 -1.95 8.39
C ALA A 152 -8.24 -3.10 8.74
N HIS A 153 -6.94 -2.80 8.89
CA HIS A 153 -6.00 -3.83 9.35
C HIS A 153 -6.43 -4.41 10.71
N CYS A 154 -6.79 -3.55 11.67
CA CYS A 154 -7.32 -4.03 12.97
C CYS A 154 -8.57 -4.89 12.80
N GLU A 155 -9.49 -4.51 11.92
CA GLU A 155 -10.66 -5.36 11.64
C GLU A 155 -10.27 -6.78 11.12
N GLU A 156 -9.22 -6.84 10.31
CA GLU A 156 -8.72 -8.13 9.77
C GLU A 156 -8.13 -9.00 10.86
N VAL A 157 -7.32 -8.40 11.69
CA VAL A 157 -6.76 -9.03 12.87
C VAL A 157 -7.83 -9.59 13.84
N ASP A 158 -8.90 -8.79 14.07
CA ASP A 158 -9.97 -9.24 14.97
C ASP A 158 -10.76 -10.38 14.31
N LEU A 159 -11.01 -10.28 13.01
CA LEU A 159 -11.71 -11.33 12.25
C LEU A 159 -11.05 -12.68 12.40
N ALA A 160 -9.72 -12.67 12.41
CA ALA A 160 -8.94 -13.89 12.53
C ALA A 160 -8.93 -14.36 13.94
N ALA A 161 -8.62 -13.51 14.92
CA ALA A 161 -8.64 -13.87 16.32
C ALA A 161 -10.03 -14.40 16.77
N ARG A 162 -11.11 -13.97 16.15
CA ARG A 162 -12.46 -14.42 16.53
C ARG A 162 -12.95 -15.71 15.87
N GLY A 163 -12.13 -16.28 14.98
CA GLY A 163 -12.50 -17.50 14.33
C GLY A 163 -13.40 -17.22 13.18
N LEU A 164 -13.33 -16.02 12.60
CA LEU A 164 -14.27 -15.65 11.59
C LEU A 164 -13.70 -15.55 10.18
N GLU A 165 -12.49 -16.04 9.95
CA GLU A 165 -12.02 -16.08 8.56
C GLU A 165 -12.87 -17.07 7.78
N GLY A 166 -13.08 -16.78 6.53
CA GLY A 166 -13.95 -17.57 5.73
C GLY A 166 -15.37 -17.15 5.83
N THR A 167 -15.74 -16.12 6.59
CA THR A 167 -17.16 -15.77 6.60
C THR A 167 -17.59 -14.70 5.61
N LEU A 168 -16.63 -14.01 4.99
CA LEU A 168 -17.05 -12.95 4.08
C LEU A 168 -17.47 -13.56 2.78
N GLY A 169 -18.61 -13.10 2.27
CA GLY A 169 -19.06 -13.37 0.91
C GLY A 169 -18.34 -12.46 -0.08
N LEU A 170 -18.65 -12.63 -1.35
CA LEU A 170 -17.91 -11.98 -2.39
C LEU A 170 -17.97 -10.43 -2.32
N ASP A 171 -19.16 -9.86 -2.26
CA ASP A 171 -19.30 -8.37 -2.30
C ASP A 171 -18.67 -7.68 -1.08
N GLU A 172 -18.87 -8.25 0.09
CA GLU A 172 -18.28 -7.76 1.33
C GLU A 172 -16.75 -7.92 1.30
N TYR A 173 -16.27 -9.02 0.70
CA TYR A 173 -14.86 -9.30 0.69
C TYR A 173 -14.20 -8.27 -0.21
N ALA A 174 -14.79 -7.99 -1.38
CA ALA A 174 -14.25 -7.05 -2.33
C ALA A 174 -14.18 -5.66 -1.71
N GLU A 175 -15.27 -5.25 -1.05
CA GLU A 175 -15.30 -3.95 -0.32
C GLU A 175 -14.23 -3.87 0.73
N PHE A 176 -14.15 -4.90 1.57
CA PHE A 176 -13.14 -4.97 2.62
C PHE A 176 -11.64 -4.95 2.11
N ARG A 177 -11.42 -5.60 0.99
CA ARG A 177 -10.06 -5.82 0.50
C ARG A 177 -9.55 -4.49 -0.07
N ARG A 178 -10.47 -3.70 -0.63
CA ARG A 178 -10.15 -2.32 -1.03
C ARG A 178 -9.59 -1.50 0.14
N ARG A 179 -10.12 -1.76 1.32
CA ARG A 179 -9.66 -1.06 2.51
C ARG A 179 -8.32 -1.60 3.04
N THR A 180 -8.17 -2.90 3.14
CA THR A 180 -7.03 -3.52 3.78
C THR A 180 -5.76 -3.43 2.89
N VAL A 181 -5.94 -3.26 1.60
CA VAL A 181 -4.74 -3.31 0.73
C VAL A 181 -3.85 -2.04 0.89
N GLY A 182 -4.42 -0.92 1.32
CA GLY A 182 -3.56 0.21 1.78
C GLY A 182 -2.87 1.00 0.63
N ILE A 183 -3.57 1.09 -0.48
CA ILE A 183 -3.01 1.65 -1.66
C ILE A 183 -3.31 3.15 -1.78
N HIS A 184 -4.37 3.64 -1.13
CA HIS A 184 -4.64 5.05 -1.20
C HIS A 184 -3.45 5.87 -0.63
N HIS A 185 -2.98 5.50 0.57
CA HIS A 185 -1.86 6.25 1.21
C HIS A 185 -0.56 5.99 0.42
N SER A 186 -0.48 4.78 -0.17
CA SER A 186 0.70 4.43 -1.02
C SER A 186 0.84 5.36 -2.21
N ILE A 187 -0.29 5.67 -2.85
CA ILE A 187 -0.35 6.61 -3.96
C ILE A 187 -0.07 8.02 -3.49
N ASP A 188 -0.65 8.39 -2.36
CA ASP A 188 -0.42 9.72 -1.77
C ASP A 188 1.10 9.96 -1.61
N ALA A 189 1.86 8.95 -1.22
CA ALA A 189 3.24 9.19 -0.95
C ALA A 189 4.02 9.45 -2.26
N GLY A 190 3.43 9.16 -3.42
CA GLY A 190 4.10 9.42 -4.67
C GLY A 190 4.44 10.91 -4.84
N GLU A 191 3.55 11.75 -4.32
CA GLU A 191 3.69 13.20 -4.38
C GLU A 191 4.92 13.59 -3.50
N ARG A 192 5.03 13.01 -2.30
CA ARG A 192 6.22 13.26 -1.49
C ARG A 192 7.53 12.81 -2.15
N SER A 193 7.51 11.64 -2.78
N SER A 193 7.56 11.62 -2.76
CA SER A 193 8.69 11.03 -3.36
CA SER A 193 8.77 11.05 -3.37
C SER A 193 9.26 11.80 -4.55
C SER A 193 9.29 11.92 -4.51
N ARG A 194 8.38 12.40 -5.33
CA ARG A 194 8.72 13.07 -6.54
C ARG A 194 8.68 14.58 -6.43
N GLY A 195 8.01 15.14 -5.44
CA GLY A 195 8.10 16.58 -5.12
C GLY A 195 7.10 17.37 -5.88
N PHE A 196 5.85 16.94 -5.89
CA PHE A 196 4.80 17.74 -6.40
C PHE A 196 3.56 17.45 -5.55
N GLU A 197 2.49 18.18 -5.79
CA GLU A 197 1.18 17.92 -5.23
C GLU A 197 0.12 18.01 -6.27
N VAL A 198 -0.80 17.07 -6.25
CA VAL A 198 -1.88 17.03 -7.24
C VAL A 198 -2.87 18.13 -6.87
N PRO A 199 -3.40 18.89 -7.88
CA PRO A 199 -4.36 19.96 -7.53
C PRO A 199 -5.57 19.44 -6.81
N ALA A 200 -5.93 20.09 -5.69
CA ALA A 200 -6.89 19.52 -4.74
C ALA A 200 -8.24 19.26 -5.39
N GLN A 201 -8.65 20.15 -6.30
CA GLN A 201 -9.93 19.97 -7.03
C GLN A 201 -9.90 18.76 -7.99
N ALA A 202 -8.72 18.37 -8.50
CA ALA A 202 -8.58 17.10 -9.21
C ALA A 202 -8.62 15.84 -8.31
N MET A 203 -7.99 15.89 -7.14
CA MET A 203 -8.01 14.78 -6.18
C MET A 203 -9.42 14.41 -5.72
N GLY A 204 -10.27 15.39 -5.52
CA GLY A 204 -11.69 15.21 -5.17
C GLY A 204 -12.66 15.09 -6.35
N HIS A 205 -12.17 15.12 -7.58
CA HIS A 205 -13.02 14.88 -8.74
C HIS A 205 -13.42 13.39 -8.85
N PRO A 206 -14.65 13.09 -9.30
CA PRO A 206 -15.10 11.68 -9.36
C PRO A 206 -14.22 10.73 -10.16
N VAL A 207 -13.63 11.19 -11.24
CA VAL A 207 -12.71 10.40 -11.99
C VAL A 207 -11.49 9.94 -11.20
N MET A 208 -10.79 10.87 -10.56
CA MET A 208 -9.63 10.51 -9.78
C MET A 208 -9.98 9.66 -8.53
N GLU A 209 -11.09 9.96 -7.87
CA GLU A 209 -11.46 9.18 -6.69
C GLU A 209 -11.71 7.74 -7.07
N ARG A 210 -12.44 7.57 -8.18
CA ARG A 210 -12.65 6.22 -8.70
C ARG A 210 -11.37 5.52 -9.18
N MET A 211 -10.45 6.23 -9.81
CA MET A 211 -9.20 5.65 -10.23
C MET A 211 -8.39 5.06 -9.08
N ARG A 212 -8.35 5.76 -7.95
CA ARG A 212 -7.66 5.29 -6.75
C ARG A 212 -8.32 4.01 -6.21
N ASP A 213 -9.64 4.01 -6.17
CA ASP A 213 -10.39 2.82 -5.75
C ASP A 213 -10.14 1.63 -6.67
N LEU A 214 -10.16 1.84 -7.98
CA LEU A 214 -9.83 0.70 -8.91
C LEU A 214 -8.39 0.22 -8.85
N ALA A 215 -7.45 1.16 -8.67
CA ALA A 215 -6.07 0.78 -8.48
C ALA A 215 -5.97 -0.08 -7.23
N ALA A 216 -6.69 0.29 -6.18
CA ALA A 216 -6.62 -0.51 -4.97
C ALA A 216 -7.26 -1.92 -5.20
N ASP A 217 -8.36 -1.96 -5.92
CA ASP A 217 -8.98 -3.30 -6.25
C ASP A 217 -8.01 -4.17 -7.01
N THR A 218 -7.44 -3.61 -8.07
CA THR A 218 -6.60 -4.31 -8.97
C THR A 218 -5.47 -4.86 -8.22
N ILE A 219 -4.82 -4.05 -7.42
CA ILE A 219 -3.64 -4.52 -6.68
C ILE A 219 -4.01 -5.53 -5.62
N GLY A 220 -5.12 -5.33 -4.91
CA GLY A 220 -5.49 -6.31 -3.84
C GLY A 220 -5.83 -7.67 -4.44
N PHE A 221 -6.51 -7.64 -5.58
CA PHE A 221 -6.90 -8.91 -6.27
C PHE A 221 -5.67 -9.62 -6.88
N MET A 222 -4.71 -8.86 -7.47
CA MET A 222 -3.45 -9.49 -7.95
C MET A 222 -2.67 -10.08 -6.82
N ASN A 223 -2.58 -9.36 -5.71
CA ASN A 223 -1.94 -9.91 -4.58
C ASN A 223 -2.64 -11.15 -4.01
N ASP A 224 -3.98 -11.23 -4.01
CA ASP A 224 -4.63 -12.49 -3.60
C ASP A 224 -4.31 -13.66 -4.57
N ILE A 225 -4.37 -13.40 -5.87
CA ILE A 225 -4.04 -14.42 -6.87
C ILE A 225 -2.62 -14.93 -6.65
N HIS A 226 -1.70 -14.02 -6.35
CA HIS A 226 -0.33 -14.36 -6.18
C HIS A 226 -0.12 -15.13 -4.88
N SER A 227 -0.71 -14.71 -3.75
CA SER A 227 -0.57 -15.45 -2.45
C SER A 227 -1.19 -16.84 -2.52
N PHE A 228 -2.28 -16.97 -3.27
CA PHE A 228 -3.06 -18.21 -3.34
C PHE A 228 -2.23 -19.29 -4.00
N GLU A 229 -1.76 -18.99 -5.24
CA GLU A 229 -0.81 -19.82 -6.02
C GLU A 229 0.45 -20.32 -5.25
N ARG A 230 0.68 -19.84 -4.02
CA ARG A 230 1.77 -20.31 -3.15
C ARG A 230 1.30 -20.73 -1.72
N GLU A 231 0.22 -21.52 -1.60
CA GLU A 231 -0.22 -22.06 -0.29
C GLU A 231 -0.97 -23.40 -0.39
N GLY A 237 -9.13 -19.06 3.94
CA GLY A 237 -10.39 -18.68 3.28
C GLY A 237 -10.53 -17.18 3.00
N HIS A 238 -9.68 -16.35 3.63
CA HIS A 238 -9.61 -14.86 3.43
C HIS A 238 -8.76 -14.47 2.19
N ASN A 239 -9.25 -14.85 1.03
CA ASN A 239 -8.50 -14.73 -0.22
C ASN A 239 -9.52 -14.72 -1.31
N LEU A 240 -9.42 -13.81 -2.27
CA LEU A 240 -10.40 -13.71 -3.34
C LEU A 240 -10.82 -15.09 -4.03
N ILE A 241 -9.81 -15.91 -4.30
N ILE A 241 -9.82 -15.91 -4.32
CA ILE A 241 -9.95 -17.22 -4.95
CA ILE A 241 -10.05 -17.18 -5.03
C ILE A 241 -10.87 -18.11 -4.13
C ILE A 241 -10.88 -18.15 -4.13
N ALA A 242 -10.50 -18.30 -2.87
CA ALA A 242 -11.31 -19.07 -1.88
C ALA A 242 -12.74 -18.54 -1.74
N VAL A 243 -12.88 -17.23 -1.78
CA VAL A 243 -14.17 -16.62 -1.59
C VAL A 243 -15.04 -16.92 -2.77
N LEU A 244 -14.45 -16.81 -3.96
CA LEU A 244 -15.21 -17.07 -5.19
C LEU A 244 -15.71 -18.54 -5.26
N ARG A 245 -14.87 -19.43 -4.78
CA ARG A 245 -15.15 -20.83 -4.83
C ARG A 245 -16.30 -21.14 -3.87
N ARG A 246 -16.25 -20.61 -2.64
CA ARG A 246 -17.37 -20.72 -1.67
C ARG A 246 -18.60 -20.15 -2.25
N GLU A 247 -18.53 -18.93 -2.75
CA GLU A 247 -19.67 -18.28 -3.38
C GLU A 247 -20.26 -19.05 -4.58
N ARG A 248 -19.44 -19.50 -5.52
CA ARG A 248 -19.99 -20.09 -6.78
C ARG A 248 -20.10 -21.65 -6.74
N GLY A 249 -19.44 -22.28 -5.76
CA GLY A 249 -19.31 -23.74 -5.60
C GLY A 249 -18.68 -24.31 -6.86
N CYS A 250 -17.61 -23.67 -7.32
CA CYS A 250 -17.02 -24.00 -8.63
C CYS A 250 -15.71 -24.70 -8.32
N SER A 251 -14.94 -25.07 -9.37
CA SER A 251 -13.64 -25.75 -9.14
C SER A 251 -12.59 -24.73 -8.69
N TRP A 252 -11.52 -25.13 -8.04
CA TRP A 252 -10.41 -24.27 -7.76
C TRP A 252 -9.94 -23.51 -9.00
N GLN A 253 -9.86 -24.21 -10.14
CA GLN A 253 -9.50 -23.56 -11.41
C GLN A 253 -10.55 -22.60 -11.96
N GLN A 254 -11.84 -22.92 -11.89
CA GLN A 254 -12.84 -21.94 -12.34
C GLN A 254 -12.84 -20.65 -11.45
N ALA A 255 -12.48 -20.82 -10.16
CA ALA A 255 -12.39 -19.73 -9.17
C ALA A 255 -11.17 -18.82 -9.51
N THR A 256 -10.03 -19.46 -9.83
CA THR A 256 -8.86 -18.75 -10.40
C THR A 256 -9.20 -17.98 -11.67
N ASP A 257 -9.86 -18.63 -12.63
CA ASP A 257 -10.24 -17.96 -13.86
C ASP A 257 -11.11 -16.75 -13.57
N GLU A 258 -12.07 -16.92 -12.67
CA GLU A 258 -12.92 -15.81 -12.35
C GLU A 258 -12.17 -14.62 -11.60
N ALA A 259 -11.35 -14.93 -10.62
CA ALA A 259 -10.47 -13.92 -9.99
C ALA A 259 -9.68 -13.12 -11.05
N TYR A 260 -9.16 -13.83 -12.04
CA TYR A 260 -8.46 -13.23 -13.18
C TYR A 260 -9.37 -12.35 -13.96
N ARG A 261 -10.56 -12.83 -14.29
CA ARG A 261 -11.52 -11.95 -15.00
C ARG A 261 -11.96 -10.67 -14.18
N MET A 262 -12.18 -10.80 -12.90
CA MET A 262 -12.53 -9.64 -12.04
C MET A 262 -11.42 -8.53 -12.06
N THR A 263 -10.19 -9.00 -12.03
CA THR A 263 -9.00 -8.18 -12.00
C THR A 263 -8.81 -7.44 -13.28
N ILE A 264 -8.90 -8.15 -14.42
CA ILE A 264 -8.89 -7.50 -15.74
C ILE A 264 -10.05 -6.52 -15.96
N ALA A 265 -11.25 -6.85 -15.47
CA ALA A 265 -12.36 -5.90 -15.49
C ALA A 265 -12.11 -4.57 -14.64
N CYS A 266 -11.50 -4.67 -13.47
CA CYS A 266 -11.08 -3.47 -12.66
C CYS A 266 -10.06 -2.67 -13.42
N LEU A 267 -9.02 -3.38 -13.91
CA LEU A 267 -7.98 -2.78 -14.77
C LEU A 267 -8.56 -2.05 -15.98
N ASP A 268 -9.44 -2.71 -16.75
CA ASP A 268 -10.02 -2.05 -17.91
C ASP A 268 -10.87 -0.85 -17.59
N GLU A 269 -11.59 -0.85 -16.48
CA GLU A 269 -12.33 0.33 -16.11
C GLU A 269 -11.30 1.47 -15.71
N TYR A 270 -10.25 1.10 -14.99
CA TYR A 270 -9.12 2.00 -14.65
C TYR A 270 -8.55 2.65 -15.93
N LEU A 271 -8.22 1.82 -16.93
CA LEU A 271 -7.75 2.32 -18.21
C LEU A 271 -8.72 3.25 -18.94
N GLU A 272 -10.03 3.00 -18.86
CA GLU A 272 -11.05 3.92 -19.44
C GLU A 272 -11.04 5.28 -18.72
N LEU A 273 -10.89 5.28 -17.41
CA LEU A 273 -10.89 6.56 -16.67
C LEU A 273 -9.58 7.29 -16.96
N GLN A 274 -8.48 6.56 -17.07
CA GLN A 274 -7.25 7.19 -17.52
C GLN A 274 -7.39 8.04 -18.81
N GLU A 275 -8.11 7.52 -19.81
CA GLU A 275 -8.30 8.28 -21.06
C GLU A 275 -9.22 9.49 -20.85
N ARG A 276 -9.99 9.50 -19.78
CA ARG A 276 -10.85 10.65 -19.48
C ARG A 276 -10.18 11.83 -18.70
N VAL A 277 -8.94 11.63 -18.26
CA VAL A 277 -8.22 12.65 -17.48
C VAL A 277 -8.12 14.03 -18.19
N PRO A 278 -7.75 14.08 -19.49
CA PRO A 278 -7.82 15.37 -20.19
C PRO A 278 -9.20 16.03 -20.14
N GLN A 279 -10.28 15.30 -20.30
CA GLN A 279 -11.61 15.94 -20.17
C GLN A 279 -11.84 16.45 -18.73
N MET A 280 -11.34 15.72 -17.73
CA MET A 280 -11.50 16.14 -16.34
C MET A 280 -10.79 17.50 -16.15
N CYS A 281 -9.56 17.59 -16.67
CA CYS A 281 -8.78 18.80 -16.56
C CYS A 281 -9.46 19.97 -17.25
N ASP A 282 -10.10 19.72 -18.39
CA ASP A 282 -10.92 20.73 -19.09
C ASP A 282 -12.13 21.17 -18.26
N GLU A 283 -12.91 20.23 -17.74
CA GLU A 283 -14.08 20.54 -16.90
C GLU A 283 -13.71 21.35 -15.62
N LEU A 284 -12.54 21.05 -15.05
CA LEU A 284 -11.95 21.81 -13.94
C LEU A 284 -11.28 23.13 -14.35
N ARG A 285 -11.02 23.34 -15.64
CA ARG A 285 -10.34 24.56 -16.18
C ARG A 285 -8.89 24.68 -15.69
N LEU A 286 -8.18 23.57 -15.65
CA LEU A 286 -6.83 23.63 -15.15
C LEU A 286 -5.91 24.26 -16.20
N ASP A 287 -4.98 25.08 -15.75
CA ASP A 287 -3.88 25.54 -16.60
C ASP A 287 -2.89 24.40 -16.86
N GLU A 288 -1.84 24.69 -17.62
CA GLU A 288 -0.92 23.66 -18.12
C GLU A 288 -0.01 23.05 -17.02
N ALA A 289 0.46 23.86 -16.08
CA ALA A 289 1.30 23.36 -14.99
C ALA A 289 0.45 22.48 -13.99
N GLU A 290 -0.79 22.88 -13.73
CA GLU A 290 -1.75 22.04 -13.02
C GLU A 290 -1.98 20.69 -13.76
N ARG A 291 -2.25 20.75 -15.08
CA ARG A 291 -2.37 19.53 -15.92
C ARG A 291 -1.20 18.63 -15.77
N ASP A 292 -0.01 19.23 -15.75
CA ASP A 292 1.22 18.47 -15.60
C ASP A 292 1.36 17.75 -14.24
N ARG A 293 0.81 18.38 -13.20
CA ARG A 293 0.84 17.83 -11.84
C ARG A 293 -0.16 16.65 -11.74
N VAL A 294 -1.33 16.82 -12.35
CA VAL A 294 -2.29 15.71 -12.58
C VAL A 294 -1.68 14.50 -13.26
N ARG A 295 -1.04 14.77 -14.39
CA ARG A 295 -0.36 13.71 -15.13
C ARG A 295 0.64 12.99 -14.26
N MET A 296 1.42 13.72 -13.46
CA MET A 296 2.35 13.05 -12.53
C MET A 296 1.61 12.18 -11.45
N GLY A 297 0.48 12.70 -11.01
CA GLY A 297 -0.45 11.96 -10.12
C GLY A 297 -0.88 10.62 -10.67
N VAL A 298 -1.27 10.63 -11.94
CA VAL A 298 -1.66 9.41 -12.63
C VAL A 298 -0.47 8.48 -12.75
N GLU A 299 0.71 9.02 -13.02
CA GLU A 299 1.88 8.16 -13.06
C GLU A 299 2.22 7.47 -11.75
N ALA A 300 2.00 8.14 -10.61
CA ALA A 300 2.19 7.54 -9.32
C ALA A 300 1.26 6.27 -9.18
N ILE A 301 0.06 6.35 -9.71
CA ILE A 301 -0.86 5.20 -9.69
C ILE A 301 -0.26 4.08 -10.56
N GLN A 302 0.23 4.42 -11.76
CA GLN A 302 0.83 3.41 -12.64
C GLN A 302 2.05 2.77 -12.04
N HIS A 303 2.86 3.58 -11.35
CA HIS A 303 4.01 3.01 -10.70
C HIS A 303 3.60 1.96 -9.70
N TRP A 304 2.46 2.18 -9.02
CA TRP A 304 2.04 1.23 -8.03
C TRP A 304 1.50 -0.07 -8.68
N ILE A 305 0.58 0.07 -9.62
CA ILE A 305 -0.01 -1.10 -10.27
C ILE A 305 1.10 -1.92 -10.95
N ASN A 306 1.97 -1.26 -11.74
CA ASN A 306 3.01 -1.99 -12.49
C ASN A 306 4.14 -2.50 -11.66
N GLY A 307 4.56 -1.65 -10.72
CA GLY A 307 5.69 -2.00 -9.88
C GLY A 307 5.37 -3.09 -8.91
N ASN A 308 4.17 -3.04 -8.36
CA ASN A 308 3.76 -4.10 -7.47
C ASN A 308 3.75 -5.45 -8.24
N TYR A 309 3.21 -5.44 -9.43
CA TYR A 309 3.15 -6.66 -10.24
C TYR A 309 4.54 -7.23 -10.51
N GLU A 310 5.42 -6.37 -11.01
CA GLU A 310 6.79 -6.80 -11.37
C GLU A 310 7.52 -7.21 -10.18
N TRP A 311 7.29 -6.58 -9.03
CA TRP A 311 7.95 -7.10 -7.79
C TRP A 311 7.41 -8.53 -7.36
N ALA A 312 6.11 -8.74 -7.50
CA ALA A 312 5.47 -9.99 -7.10
C ALA A 312 6.04 -11.20 -7.89
N LEU A 313 6.21 -11.02 -9.21
CA LEU A 313 6.92 -11.99 -10.08
C LEU A 313 8.23 -12.55 -9.54
N THR A 314 9.05 -11.70 -8.91
CA THR A 314 10.36 -12.13 -8.39
C THR A 314 10.25 -12.60 -6.93
N SER A 315 9.06 -13.05 -6.49
CA SER A 315 8.85 -13.70 -5.16
C SER A 315 9.03 -12.77 -3.90
N GLY A 316 9.11 -13.38 -2.72
CA GLY A 316 9.22 -12.68 -1.43
C GLY A 316 8.79 -13.56 -0.25
#